data_5IWE
#
_entry.id   5IWE
#
_cell.length_a   56.032
_cell.length_b   56.032
_cell.length_c   155.742
_cell.angle_alpha   90.00
_cell.angle_beta   90.00
_cell.angle_gamma   120.00
#
_symmetry.space_group_name_H-M   'P 32 2 1'
#
loop_
_entity.id
_entity.type
_entity.pdbx_description
1 polymer 'Trans-2,3-dihydro-3-hydroxyanthranilate isomerase'
2 non-polymer (5R,6R)-6-azaniumyl-5-ethoxycyclohexa-1,3-diene-1-carboxylate
3 non-polymer DI(HYDROXYETHYL)ETHER
4 non-polymer 1,2-ETHANEDIOL
5 non-polymer GLYCEROL
6 water water
#
_entity_poly.entity_id   1
_entity_poly.type   'polypeptide(L)'
_entity_poly.pdbx_seq_one_letter_code
;MGSSHHHHHHSSGLVPRGSHMHNYVIIDAFASVPLEGNPVAVFFDADDLPPAQMQRIAREMNLSQSTFVLKPRNGGDALI
RIFTPVNELPFAGHPLLGTAIALGAHTDNHRLYLETQMGTIAFELERQNGSVIAASMDQPIPTWTALGRDAELLKALGIS
DSTFPIEIYHNGPRHVFVGLPSIDALSALHPDHRALSNFHDMAINCFAGAGRRWRSRMFSPAYGVVEDAATGSAAGPLAI
HLARHGQIEFGQPVEILQGVEIGRPSLMFAKAEGRAEQLTRVEVSGNGVTFGRGTIVL
;
_entity_poly.pdbx_strand_id   A
#
loop_
_chem_comp.id
_chem_comp.type
_chem_comp.name
_chem_comp.formula
EDO non-polymer 1,2-ETHANEDIOL 'C2 H6 O2'
GOL non-polymer GLYCEROL 'C3 H8 O3'
PEG non-polymer DI(HYDROXYETHYL)ETHER 'C4 H10 O3'
W81 non-polymer (5R,6R)-6-azaniumyl-5-ethoxycyclohexa-1,3-diene-1-carboxylate 'C9 H13 N O3'
#
# COMPACT_ATOMS: atom_id res chain seq x y z
N HIS A 20 -9.98 -19.24 24.10
CA HIS A 20 -9.47 -17.93 23.60
C HIS A 20 -8.17 -18.12 22.81
N MET A 21 -8.33 -18.41 21.51
CA MET A 21 -7.22 -18.48 20.58
C MET A 21 -7.68 -17.83 19.28
N HIS A 22 -6.72 -17.42 18.47
CA HIS A 22 -7.02 -16.81 17.18
C HIS A 22 -6.12 -17.41 16.12
N ASN A 23 -6.72 -17.70 14.98
CA ASN A 23 -5.96 -18.13 13.81
C ASN A 23 -5.52 -16.90 13.05
N TYR A 24 -4.37 -17.02 12.39
CA TYR A 24 -3.89 -15.95 11.54
C TYR A 24 -3.21 -16.54 10.32
N VAL A 25 -3.09 -15.70 9.29
CA VAL A 25 -2.25 -16.01 8.14
C VAL A 25 -1.34 -14.84 7.87
N ILE A 26 -0.16 -15.14 7.33
CA ILE A 26 0.75 -14.14 6.79
C ILE A 26 0.62 -14.20 5.29
N ILE A 27 0.19 -13.09 4.70
CA ILE A 27 0.01 -12.94 3.27
C ILE A 27 1.11 -12.02 2.77
N ASP A 28 1.80 -12.43 1.69
CA ASP A 28 2.68 -11.53 0.96
C ASP A 28 1.84 -10.83 -0.10
N ALA A 29 1.59 -9.55 0.12
CA ALA A 29 0.75 -8.76 -0.75
C ALA A 29 1.58 -8.20 -1.90
N PHE A 30 0.93 -8.10 -3.07
CA PHE A 30 1.54 -7.68 -4.34
C PHE A 30 2.64 -8.64 -4.77
N ALA A 31 2.42 -9.91 -4.51
CA ALA A 31 3.34 -10.97 -4.91
C ALA A 31 2.57 -12.21 -5.32
N SER A 32 3.18 -13.03 -6.17
CA SER A 32 2.62 -14.32 -6.51
C SER A 32 3.50 -15.44 -6.02
N VAL A 33 4.64 -15.10 -5.43
CA VAL A 33 5.62 -16.04 -4.93
C VAL A 33 5.90 -15.67 -3.47
N PRO A 34 5.91 -16.63 -2.54
CA PRO A 34 6.23 -16.28 -1.14
C PRO A 34 7.63 -15.69 -1.06
N LEU A 35 7.80 -14.79 -0.10
CA LEU A 35 9.02 -14.05 0.19
C LEU A 35 9.24 -12.91 -0.81
N GLU A 36 8.34 -12.70 -1.76
CA GLU A 36 8.29 -11.45 -2.52
C GLU A 36 7.13 -10.62 -1.98
N GLY A 37 6.92 -9.46 -2.56
CA GLY A 37 5.85 -8.61 -2.06
C GLY A 37 6.14 -8.14 -0.64
N ASN A 38 5.05 -7.83 0.05
CA ASN A 38 5.12 -7.15 1.34
C ASN A 38 4.21 -7.87 2.33
N PRO A 39 4.74 -8.40 3.45
CA PRO A 39 3.90 -9.21 4.34
C PRO A 39 2.93 -8.41 5.19
N VAL A 40 1.81 -9.06 5.49
CA VAL A 40 0.86 -8.60 6.49
C VAL A 40 0.30 -9.83 7.19
N ALA A 41 0.20 -9.74 8.51
CA ALA A 41 -0.47 -10.78 9.29
C ALA A 41 -1.92 -10.40 9.48
N VAL A 42 -2.82 -11.35 9.23
CA VAL A 42 -4.26 -11.16 9.26
C VAL A 42 -4.83 -12.07 10.34
N PHE A 43 -5.46 -11.47 11.35
CA PHE A 43 -6.02 -12.21 12.49
C PHE A 43 -7.54 -12.31 12.35
N PHE A 44 -8.05 -13.53 12.39
CA PHE A 44 -9.47 -13.78 12.21
C PHE A 44 -10.23 -13.76 13.54
N ASP A 45 -11.54 -13.55 13.44
CA ASP A 45 -12.46 -13.70 14.57
C ASP A 45 -12.00 -12.87 15.77
N ALA A 46 -11.70 -11.59 15.52
CA ALA A 46 -11.04 -10.75 16.50
C ALA A 46 -11.98 -9.97 17.40
N ASP A 47 -13.29 -10.25 17.36
CA ASP A 47 -14.26 -9.44 18.08
C ASP A 47 -14.09 -9.51 19.58
N ASP A 48 -13.46 -10.56 20.10
CA ASP A 48 -13.23 -10.71 21.53
C ASP A 48 -11.97 -9.99 22.00
N LEU A 49 -11.21 -9.38 21.09
CA LEU A 49 -9.96 -8.70 21.45
C LEU A 49 -10.22 -7.22 21.70
N PRO A 50 -9.99 -6.71 22.91
CA PRO A 50 -10.01 -5.27 23.09
C PRO A 50 -8.94 -4.63 22.22
N PRO A 51 -9.14 -3.36 21.84
CA PRO A 51 -8.14 -2.72 20.97
C PRO A 51 -6.74 -2.67 21.55
N ALA A 52 -6.60 -2.48 22.86
CA ALA A 52 -5.27 -2.49 23.46
C ALA A 52 -4.58 -3.81 23.20
N GLN A 53 -5.34 -4.91 23.20
CA GLN A 53 -4.76 -6.23 22.98
C GLN A 53 -4.41 -6.43 21.51
N MET A 54 -5.26 -5.94 20.60
CA MET A 54 -4.89 -5.89 19.19
C MET A 54 -3.56 -5.18 19.01
N GLN A 55 -3.39 -4.02 19.66
CA GLN A 55 -2.14 -3.28 19.57
C GLN A 55 -0.96 -4.11 20.10
N ARG A 56 -1.16 -4.80 21.22
CA ARG A 56 -0.08 -5.60 21.79
CA ARG A 56 -0.08 -5.60 21.79
C ARG A 56 0.28 -6.76 20.87
N ILE A 57 -0.72 -7.36 20.23
CA ILE A 57 -0.46 -8.47 19.32
C ILE A 57 0.29 -7.96 18.10
N ALA A 58 -0.09 -6.80 17.60
CA ALA A 58 0.60 -6.24 16.44
C ALA A 58 2.05 -5.94 16.79
N ARG A 59 2.27 -5.43 18.01
CA ARG A 59 3.63 -5.23 18.46
C ARG A 59 4.39 -6.55 18.57
N GLU A 60 3.74 -7.58 19.12
CA GLU A 60 4.35 -8.90 19.27
C GLU A 60 4.83 -9.43 17.92
N MET A 61 3.98 -9.34 16.89
CA MET A 61 4.36 -9.87 15.58
C MET A 61 5.47 -9.06 14.93
N ASN A 62 5.47 -7.75 15.19
CA ASN A 62 6.45 -6.79 14.67
C ASN A 62 6.44 -6.68 13.15
N LEU A 63 5.43 -7.20 12.47
CA LEU A 63 5.31 -6.91 11.04
C LEU A 63 4.90 -5.47 10.85
N SER A 64 5.19 -4.92 9.66
CA SER A 64 4.90 -3.50 9.43
C SER A 64 3.43 -3.20 9.74
N GLN A 65 2.54 -4.13 9.38
CA GLN A 65 1.16 -4.06 9.83
C GLN A 65 0.61 -5.45 10.09
N SER A 66 -0.28 -5.49 11.09
CA SER A 66 -1.19 -6.62 11.34
C SER A 66 -2.61 -6.11 11.24
N THR A 67 -3.52 -6.93 10.70
CA THR A 67 -4.92 -6.52 10.63
C THR A 67 -5.78 -7.50 11.40
N PHE A 68 -6.95 -7.01 11.79
CA PHE A 68 -7.88 -7.75 12.63
C PHE A 68 -9.25 -7.70 11.97
N VAL A 69 -9.86 -8.88 11.82
CA VAL A 69 -11.12 -9.04 11.13
C VAL A 69 -12.24 -9.08 12.16
N LEU A 70 -13.15 -8.12 12.05
CA LEU A 70 -14.23 -7.90 12.99
C LEU A 70 -15.58 -7.96 12.29
N LYS A 71 -16.64 -8.19 13.06
CA LYS A 71 -17.97 -8.16 12.49
C LYS A 71 -18.28 -6.77 11.94
N PRO A 72 -19.04 -6.69 10.85
CA PRO A 72 -19.35 -5.37 10.27
C PRO A 72 -20.38 -4.64 11.10
N ARG A 73 -20.34 -3.32 11.02
CA ARG A 73 -21.27 -2.44 11.70
C ARG A 73 -22.07 -1.56 10.79
N ASN A 74 -21.74 -1.46 9.51
CA ASN A 74 -22.45 -0.58 8.59
C ASN A 74 -22.72 -1.25 7.25
N GLY A 75 -23.08 -2.52 7.28
CA GLY A 75 -23.57 -3.19 6.10
C GLY A 75 -22.53 -3.85 5.24
N GLY A 76 -21.25 -3.76 5.61
CA GLY A 76 -20.20 -4.42 4.87
C GLY A 76 -20.12 -5.89 5.23
N ASP A 77 -19.09 -6.55 4.69
CA ASP A 77 -18.82 -7.96 5.00
C ASP A 77 -18.03 -8.12 6.29
N ALA A 78 -17.20 -7.15 6.60
CA ALA A 78 -16.35 -7.20 7.77
C ALA A 78 -15.82 -5.80 8.01
N LEU A 79 -15.43 -5.56 9.26
CA LEU A 79 -14.72 -4.36 9.68
C LEU A 79 -13.27 -4.72 9.96
N ILE A 80 -12.35 -3.97 9.37
CA ILE A 80 -10.92 -4.29 9.44
C ILE A 80 -10.23 -3.20 10.23
N ARG A 81 -9.47 -3.57 11.25
CA ARG A 81 -8.59 -2.64 11.95
C ARG A 81 -7.13 -2.95 11.60
N ILE A 82 -6.37 -1.89 11.32
CA ILE A 82 -5.00 -1.97 10.81
C ILE A 82 -4.08 -1.41 11.89
N PHE A 83 -3.10 -2.22 12.33
CA PHE A 83 -2.16 -1.75 13.36
C PHE A 83 -0.71 -1.92 12.87
N THR A 84 0.10 -0.89 13.08
CA THR A 84 1.55 -1.08 13.10
C THR A 84 1.92 -1.56 14.49
N PRO A 85 3.19 -1.86 14.73
CA PRO A 85 3.60 -2.23 16.09
C PRO A 85 3.38 -1.14 17.12
N VAL A 86 3.15 0.11 16.70
CA VAL A 86 3.04 1.20 17.66
C VAL A 86 1.69 1.94 17.61
N ASN A 87 0.92 1.89 16.52
CA ASN A 87 -0.31 2.66 16.52
C ASN A 87 -1.28 2.07 15.49
N GLU A 88 -2.54 2.49 15.58
CA GLU A 88 -3.53 2.12 14.58
C GLU A 88 -3.49 3.08 13.39
N LEU A 89 -3.74 2.55 12.19
CA LEU A 89 -3.75 3.33 10.98
C LEU A 89 -5.15 3.43 10.38
N PRO A 90 -5.52 4.55 9.79
CA PRO A 90 -6.83 4.63 9.14
C PRO A 90 -6.84 3.92 7.80
N PHE A 91 -5.72 3.94 7.06
CA PHE A 91 -5.71 3.34 5.73
C PHE A 91 -4.31 2.88 5.35
N ALA A 92 -4.24 1.68 4.77
CA ALA A 92 -3.00 1.22 4.19
C ALA A 92 -3.35 0.23 3.09
N GLY A 93 -2.66 0.33 1.96
CA GLY A 93 -3.03 -0.48 0.80
C GLY A 93 -2.64 -1.94 0.86
N HIS A 94 -1.36 -2.24 1.10
CA HIS A 94 -0.97 -3.64 1.05
C HIS A 94 -1.59 -4.43 2.20
N PRO A 95 -1.78 -3.85 3.40
CA PRO A 95 -2.46 -4.64 4.43
C PRO A 95 -3.91 -4.95 4.10
N LEU A 96 -4.62 -4.01 3.48
CA LEU A 96 -6.00 -4.30 3.12
C LEU A 96 -6.08 -5.28 1.96
N LEU A 97 -5.20 -5.12 0.96
CA LEU A 97 -5.13 -6.13 -0.10
C LEU A 97 -4.92 -7.52 0.50
N GLY A 98 -3.93 -7.66 1.37
CA GLY A 98 -3.68 -8.98 1.95
C GLY A 98 -4.85 -9.49 2.78
N THR A 99 -5.54 -8.58 3.47
CA THR A 99 -6.69 -8.99 4.26
C THR A 99 -7.80 -9.52 3.37
N ALA A 100 -8.06 -8.83 2.25
CA ALA A 100 -9.11 -9.27 1.34
C ALA A 100 -8.78 -10.64 0.76
N ILE A 101 -7.53 -10.85 0.38
CA ILE A 101 -7.11 -12.14 -0.16
C ILE A 101 -7.23 -13.23 0.90
N ALA A 102 -6.79 -12.95 2.13
CA ALA A 102 -6.91 -13.93 3.21
C ALA A 102 -8.36 -14.31 3.47
N LEU A 103 -9.25 -13.31 3.55
CA LEU A 103 -10.68 -13.58 3.81
C LEU A 103 -11.34 -14.36 2.68
N GLY A 104 -10.78 -14.31 1.48
CA GLY A 104 -11.33 -15.10 0.39
C GLY A 104 -11.31 -16.59 0.65
N ALA A 105 -10.39 -17.06 1.50
CA ALA A 105 -10.40 -18.45 1.90
C ALA A 105 -11.63 -18.82 2.72
N HIS A 106 -12.43 -17.84 3.13
CA HIS A 106 -13.55 -18.07 4.02
C HIS A 106 -14.88 -17.57 3.48
N THR A 107 -14.93 -17.19 2.21
CA THR A 107 -16.18 -16.77 1.60
C THR A 107 -16.16 -17.16 0.12
N ASP A 108 -17.36 -17.33 -0.44
CA ASP A 108 -17.53 -17.54 -1.87
C ASP A 108 -17.77 -16.25 -2.62
N ASN A 109 -17.89 -15.13 -1.91
CA ASN A 109 -18.30 -13.90 -2.55
C ASN A 109 -17.29 -13.45 -3.62
N HIS A 110 -17.83 -12.89 -4.69
CA HIS A 110 -17.02 -12.33 -5.77
C HIS A 110 -16.45 -10.98 -5.38
N ARG A 111 -17.22 -10.24 -4.60
CA ARG A 111 -16.84 -8.92 -4.11
C ARG A 111 -16.86 -8.95 -2.60
N LEU A 112 -16.02 -8.12 -2.00
CA LEU A 112 -15.91 -8.02 -0.57
C LEU A 112 -15.92 -6.56 -0.18
N TYR A 113 -16.73 -6.20 0.81
CA TYR A 113 -16.87 -4.83 1.26
C TYR A 113 -16.27 -4.76 2.65
N LEU A 114 -15.12 -4.11 2.77
CA LEU A 114 -14.38 -4.04 4.03
C LEU A 114 -14.50 -2.64 4.65
N GLU A 115 -15.10 -2.57 5.83
CA GLU A 115 -15.28 -1.29 6.53
C GLU A 115 -13.96 -0.89 7.16
N THR A 116 -13.59 0.38 6.99
CA THR A 116 -12.38 0.93 7.58
C THR A 116 -12.67 2.33 8.09
N GLN A 117 -11.66 2.95 8.69
CA GLN A 117 -11.82 4.32 9.13
C GLN A 117 -12.03 5.28 7.97
N MET A 118 -11.66 4.88 6.75
CA MET A 118 -11.90 5.69 5.57
C MET A 118 -13.27 5.43 4.96
N GLY A 119 -14.09 4.62 5.57
CA GLY A 119 -15.31 4.18 4.95
C GLY A 119 -15.20 2.76 4.43
N THR A 120 -16.19 2.35 3.66
CA THR A 120 -16.23 0.98 3.16
C THR A 120 -15.46 0.90 1.84
N ILE A 121 -14.49 -0.02 1.80
CA ILE A 121 -13.62 -0.21 0.65
C ILE A 121 -14.09 -1.46 -0.09
N ALA A 122 -14.42 -1.29 -1.37
CA ALA A 122 -14.90 -2.38 -2.21
C ALA A 122 -13.73 -3.11 -2.85
N PHE A 123 -13.75 -4.43 -2.75
CA PHE A 123 -12.77 -5.32 -3.36
C PHE A 123 -13.43 -6.29 -4.33
N GLU A 124 -12.78 -6.52 -5.47
CA GLU A 124 -13.12 -7.62 -6.35
CA GLU A 124 -13.12 -7.62 -6.35
C GLU A 124 -12.12 -8.74 -6.11
N LEU A 125 -12.61 -9.94 -5.81
CA LEU A 125 -11.72 -11.06 -5.53
C LEU A 125 -11.53 -11.90 -6.80
N GLU A 126 -10.29 -12.29 -7.09
CA GLU A 126 -10.02 -13.11 -8.26
C GLU A 126 -9.50 -14.47 -7.84
N ARG A 127 -10.11 -15.54 -8.35
CA ARG A 127 -9.88 -16.89 -7.88
C ARG A 127 -9.38 -17.80 -8.99
N GLN A 128 -8.70 -18.87 -8.59
CA GLN A 128 -8.48 -20.01 -9.47
C GLN A 128 -8.69 -21.25 -8.62
N ASN A 129 -9.69 -22.05 -8.99
CA ASN A 129 -10.06 -23.27 -8.28
C ASN A 129 -10.21 -23.02 -6.78
N GLY A 130 -10.94 -21.98 -6.46
CA GLY A 130 -11.37 -21.73 -5.10
C GLY A 130 -10.39 -20.93 -4.29
N SER A 131 -9.19 -20.75 -4.78
CA SER A 131 -8.17 -19.97 -4.08
C SER A 131 -8.17 -18.54 -4.62
N VAL A 132 -8.23 -17.56 -3.72
CA VAL A 132 -8.13 -16.17 -4.13
C VAL A 132 -6.65 -15.88 -4.37
N ILE A 133 -6.33 -15.49 -5.61
CA ILE A 133 -4.95 -15.24 -5.99
C ILE A 133 -4.66 -13.76 -6.18
N ALA A 134 -5.70 -12.93 -6.29
CA ALA A 134 -5.50 -11.51 -6.53
C ALA A 134 -6.75 -10.78 -6.12
N ALA A 135 -6.62 -9.47 -5.96
CA ALA A 135 -7.77 -8.64 -5.69
C ALA A 135 -7.53 -7.23 -6.21
N SER A 136 -8.63 -6.54 -6.46
CA SER A 136 -8.63 -5.13 -6.83
CA SER A 136 -8.63 -5.13 -6.83
C SER A 136 -9.46 -4.35 -5.84
N MET A 137 -8.96 -3.16 -5.44
CA MET A 137 -9.67 -2.31 -4.49
C MET A 137 -9.92 -0.93 -5.08
N ASP A 138 -11.02 -0.29 -4.64
CA ASP A 138 -11.28 1.11 -4.91
C ASP A 138 -10.79 1.94 -3.72
N GLN A 139 -9.78 2.78 -3.97
CA GLN A 139 -9.12 3.54 -2.91
C GLN A 139 -9.82 4.87 -2.67
N PRO A 140 -9.67 5.43 -1.47
CA PRO A 140 -10.05 6.84 -1.27
C PRO A 140 -9.42 7.70 -2.34
N ILE A 141 -10.18 8.67 -2.82
CA ILE A 141 -9.65 9.61 -3.82
C ILE A 141 -8.73 10.60 -3.11
N PRO A 142 -7.47 10.70 -3.51
CA PRO A 142 -6.53 11.55 -2.77
C PRO A 142 -6.71 13.02 -3.11
N THR A 143 -6.10 13.83 -2.26
CA THR A 143 -5.85 15.24 -2.55
C THR A 143 -4.35 15.44 -2.72
N TRP A 144 -3.94 16.60 -3.25
CA TRP A 144 -2.52 16.79 -3.56
C TRP A 144 -2.19 18.26 -3.68
N THR A 145 -0.91 18.56 -3.51
CA THR A 145 -0.38 19.91 -3.71
C THR A 145 1.13 19.81 -3.77
N ALA A 146 1.76 20.92 -4.14
CA ALA A 146 3.22 20.94 -4.16
C ALA A 146 3.77 20.74 -2.76
N LEU A 147 4.87 20.00 -2.66
CA LEU A 147 5.52 19.82 -1.36
C LEU A 147 6.14 21.11 -0.87
N GLY A 148 6.86 21.82 -1.75
CA GLY A 148 7.45 23.09 -1.37
C GLY A 148 8.71 23.00 -0.54
N ARG A 149 9.38 21.85 -0.51
CA ARG A 149 10.67 21.68 0.17
C ARG A 149 11.65 20.97 -0.77
N ASP A 150 11.67 21.40 -2.03
CA ASP A 150 12.27 20.60 -3.08
C ASP A 150 13.78 20.45 -2.89
N ALA A 151 14.48 21.57 -2.67
CA ALA A 151 15.94 21.48 -2.57
C ALA A 151 16.36 20.65 -1.36
N GLU A 152 15.66 20.82 -0.23
CA GLU A 152 15.94 20.00 0.96
C GLU A 152 15.75 18.53 0.66
N LEU A 153 14.65 18.19 -0.01
CA LEU A 153 14.37 16.78 -0.26
C LEU A 153 15.34 16.20 -1.27
N LEU A 154 15.65 16.96 -2.33
CA LEU A 154 16.58 16.45 -3.34
C LEU A 154 17.96 16.24 -2.73
N LYS A 155 18.40 17.17 -1.89
CA LYS A 155 19.67 17.00 -1.18
C LYS A 155 19.66 15.70 -0.37
N ALA A 156 18.57 15.46 0.36
CA ALA A 156 18.47 14.24 1.17
C ALA A 156 18.55 13.00 0.31
N LEU A 157 17.96 13.04 -0.88
CA LEU A 157 17.99 11.89 -1.77
C LEU A 157 19.30 11.76 -2.50
N GLY A 158 20.09 12.83 -2.56
CA GLY A 158 21.38 12.82 -3.23
C GLY A 158 21.34 13.13 -4.71
N ILE A 159 20.32 13.86 -5.18
CA ILE A 159 20.14 14.15 -6.60
C ILE A 159 19.91 15.64 -6.76
N SER A 160 19.98 16.10 -8.01
CA SER A 160 19.92 17.54 -8.28
C SER A 160 18.51 18.03 -8.59
N ASP A 161 17.69 17.21 -9.24
CA ASP A 161 16.39 17.66 -9.70
C ASP A 161 15.45 16.47 -9.82
N SER A 162 14.16 16.76 -9.86
CA SER A 162 13.13 15.82 -10.24
C SER A 162 12.81 16.01 -11.72
N THR A 163 12.29 14.96 -12.36
CA THR A 163 11.72 15.12 -13.69
C THR A 163 10.41 15.89 -13.61
N PHE A 164 9.44 15.35 -12.92
CA PHE A 164 8.11 15.91 -12.79
C PHE A 164 7.96 16.64 -11.47
N PRO A 165 6.96 17.52 -11.36
CA PRO A 165 6.79 18.31 -10.13
C PRO A 165 6.74 17.42 -8.90
N ILE A 166 7.40 17.89 -7.85
CA ILE A 166 7.41 17.20 -6.57
C ILE A 166 6.14 17.56 -5.81
N GLU A 167 5.20 16.63 -5.75
CA GLU A 167 3.90 16.86 -5.15
C GLU A 167 3.62 15.81 -4.09
N ILE A 168 2.87 16.22 -3.07
CA ILE A 168 2.51 15.36 -1.94
C ILE A 168 1.02 15.07 -1.99
N TYR A 169 0.67 13.79 -1.88
CA TYR A 169 -0.70 13.28 -1.98
C TYR A 169 -1.14 12.75 -0.64
N HIS A 170 -2.45 12.88 -0.36
CA HIS A 170 -3.04 12.48 0.92
C HIS A 170 -4.26 11.59 0.66
N ASN A 171 -4.23 10.37 1.19
CA ASN A 171 -5.39 9.47 1.18
C ASN A 171 -5.45 8.67 2.47
N GLY A 172 -5.10 9.32 3.59
CA GLY A 172 -4.84 8.66 4.84
C GLY A 172 -3.40 8.97 5.17
N PRO A 173 -2.48 8.14 4.68
CA PRO A 173 -1.06 8.52 4.70
C PRO A 173 -0.79 9.61 3.68
N ARG A 174 0.44 10.13 3.68
CA ARG A 174 0.88 11.13 2.71
CA ARG A 174 0.87 11.12 2.71
C ARG A 174 2.06 10.58 1.92
N HIS A 175 2.03 10.81 0.61
CA HIS A 175 3.04 10.29 -0.30
C HIS A 175 3.56 11.40 -1.18
N VAL A 176 4.87 11.59 -1.16
CA VAL A 176 5.57 12.51 -2.05
C VAL A 176 6.10 11.73 -3.22
N PHE A 177 6.03 12.30 -4.42
CA PHE A 177 6.58 11.65 -5.61
C PHE A 177 7.69 12.48 -6.23
N VAL A 178 8.84 11.83 -6.42
CA VAL A 178 10.04 12.40 -7.02
C VAL A 178 10.41 11.53 -8.20
N GLY A 179 10.50 12.15 -9.38
CA GLY A 179 10.77 11.44 -10.62
C GLY A 179 12.25 11.41 -10.98
N LEU A 180 12.73 10.24 -11.37
CA LEU A 180 14.10 10.03 -11.83
C LEU A 180 14.14 9.80 -13.34
N PRO A 181 15.25 10.12 -13.98
CA PRO A 181 15.31 10.10 -15.45
C PRO A 181 15.48 8.73 -16.08
N SER A 182 15.82 7.72 -15.29
CA SER A 182 15.99 6.36 -15.77
C SER A 182 15.84 5.41 -14.60
N ILE A 183 15.57 4.14 -14.93
CA ILE A 183 15.47 3.12 -13.88
C ILE A 183 16.81 2.95 -13.18
N ASP A 184 17.91 2.99 -13.93
CA ASP A 184 19.21 2.84 -13.29
C ASP A 184 19.51 3.99 -12.33
N ALA A 185 19.07 5.21 -12.67
CA ALA A 185 19.25 6.32 -11.75
C ALA A 185 18.44 6.10 -10.47
N LEU A 186 17.24 5.54 -10.61
CA LEU A 186 16.43 5.17 -9.45
C LEU A 186 17.14 4.12 -8.60
N SER A 187 17.65 3.05 -9.22
CA SER A 187 18.34 2.01 -8.47
C SER A 187 19.62 2.51 -7.80
N ALA A 188 20.23 3.58 -8.32
CA ALA A 188 21.46 4.12 -7.75
C ALA A 188 21.25 4.95 -6.49
N LEU A 189 20.00 5.33 -6.19
CA LEU A 189 19.73 6.17 -5.03
C LEU A 189 20.20 5.52 -3.74
N HIS A 190 20.91 6.30 -2.93
CA HIS A 190 21.27 5.92 -1.56
C HIS A 190 20.94 7.11 -0.66
N PRO A 191 19.68 7.27 -0.30
CA PRO A 191 19.29 8.47 0.44
C PRO A 191 19.93 8.57 1.81
N ASP A 192 20.08 9.80 2.27
CA ASP A 192 20.48 10.10 3.64
C ASP A 192 19.23 10.01 4.51
N HIS A 193 19.06 8.89 5.21
CA HIS A 193 17.80 8.69 5.92
C HIS A 193 17.69 9.62 7.12
N ARG A 194 18.81 10.06 7.70
CA ARG A 194 18.72 11.09 8.75
C ARG A 194 18.12 12.37 8.20
N ALA A 195 18.56 12.81 7.02
CA ALA A 195 17.98 14.00 6.41
C ALA A 195 16.52 13.77 6.03
N LEU A 196 16.18 12.57 5.58
CA LEU A 196 14.78 12.28 5.27
C LEU A 196 13.91 12.34 6.52
N SER A 197 14.50 12.07 7.68
CA SER A 197 13.71 12.05 8.92
C SER A 197 13.12 13.41 9.25
N ASN A 198 13.59 14.49 8.63
CA ASN A 198 12.96 15.80 8.84
CA ASN A 198 12.96 15.78 8.85
C ASN A 198 11.70 15.96 8.01
N PHE A 199 11.29 14.95 7.26
CA PHE A 199 10.04 14.97 6.48
C PHE A 199 9.04 14.13 7.27
N HIS A 200 8.30 14.81 8.13
CA HIS A 200 7.38 14.14 9.06
C HIS A 200 6.08 13.73 8.39
N ASP A 201 5.48 12.67 8.93
CA ASP A 201 4.16 12.21 8.53
C ASP A 201 4.04 12.09 7.02
N MET A 202 5.06 11.53 6.36
CA MET A 202 4.96 11.26 4.93
C MET A 202 5.95 10.19 4.52
N ALA A 203 5.71 9.62 3.34
CA ALA A 203 6.62 8.71 2.67
C ALA A 203 7.12 9.33 1.37
N ILE A 204 8.37 9.05 1.05
CA ILE A 204 9.00 9.55 -0.17
C ILE A 204 9.05 8.44 -1.21
N ASN A 205 8.35 8.62 -2.32
CA ASN A 205 8.26 7.63 -3.39
C ASN A 205 9.01 8.17 -4.60
N CYS A 206 10.09 7.49 -4.97
CA CYS A 206 10.89 7.83 -6.13
C CYS A 206 10.54 6.87 -7.25
N PHE A 207 10.37 7.40 -8.46
CA PHE A 207 9.86 6.57 -9.55
C PHE A 207 10.59 6.87 -10.86
N ALA A 208 10.52 5.89 -11.76
CA ALA A 208 11.07 6.05 -13.10
C ALA A 208 10.39 5.05 -14.01
N GLY A 209 10.42 5.31 -15.31
CA GLY A 209 9.76 4.43 -16.27
C GLY A 209 9.22 5.19 -17.46
N ALA A 210 8.25 4.55 -18.13
CA ALA A 210 7.67 5.08 -19.35
C ALA A 210 6.43 4.28 -19.72
N GLY A 211 5.43 4.96 -20.30
CA GLY A 211 4.26 4.25 -20.80
C GLY A 211 3.50 3.56 -19.69
N ARG A 212 3.27 2.26 -19.87
CA ARG A 212 2.53 1.46 -18.91
CA ARG A 212 2.52 1.45 -18.92
C ARG A 212 3.36 1.00 -17.73
N ARG A 213 4.69 0.99 -17.85
CA ARG A 213 5.56 0.28 -16.92
C ARG A 213 6.45 1.23 -16.13
N TRP A 214 6.33 1.16 -14.80
CA TRP A 214 7.04 2.06 -13.90
C TRP A 214 7.69 1.26 -12.78
N ARG A 215 8.77 1.82 -12.27
CA ARG A 215 9.48 1.30 -11.12
C ARG A 215 9.40 2.35 -10.02
N SER A 216 9.36 1.88 -8.77
CA SER A 216 9.28 2.78 -7.64
CA SER A 216 9.28 2.79 -7.64
C SER A 216 10.13 2.26 -6.49
N ARG A 217 10.54 3.19 -5.65
CA ARG A 217 11.19 2.90 -4.38
C ARG A 217 10.61 3.87 -3.38
N MET A 218 10.29 3.38 -2.18
CA MET A 218 9.68 4.20 -1.14
C MET A 218 10.56 4.18 0.10
N PHE A 219 10.79 5.37 0.65
CA PHE A 219 11.59 5.58 1.85
C PHE A 219 10.76 6.39 2.84
N SER A 220 10.71 5.97 4.13
CA SER A 220 9.95 6.78 5.10
C SER A 220 10.38 6.59 6.55
N PRO A 221 11.30 7.43 7.06
CA PRO A 221 11.54 7.43 8.51
C PRO A 221 10.28 7.71 9.30
N ALA A 222 9.40 8.57 8.79
CA ALA A 222 8.17 8.91 9.52
C ALA A 222 7.31 7.67 9.77
N TYR A 223 7.24 6.77 8.79
CA TYR A 223 6.45 5.55 8.89
C TYR A 223 7.31 4.36 9.31
N GLY A 224 8.52 4.63 9.82
CA GLY A 224 9.33 3.61 10.43
C GLY A 224 9.90 2.60 9.47
N VAL A 225 10.23 2.99 8.24
CA VAL A 225 10.78 2.06 7.27
C VAL A 225 11.91 2.73 6.51
N VAL A 226 13.07 2.07 6.46
CA VAL A 226 14.17 2.52 5.61
C VAL A 226 13.75 2.46 4.15
N GLU A 227 13.24 1.32 3.71
CA GLU A 227 12.72 1.19 2.35
C GLU A 227 11.60 0.16 2.33
N ASP A 228 10.44 0.55 1.84
CA ASP A 228 9.25 -0.29 1.82
C ASP A 228 9.20 -1.17 0.56
N ALA A 229 8.74 -2.41 0.71
CA ALA A 229 8.64 -3.29 -0.45
C ALA A 229 7.50 -2.92 -1.38
N ALA A 230 6.32 -2.63 -0.82
CA ALA A 230 5.13 -2.38 -1.64
C ALA A 230 4.26 -1.38 -0.89
N THR A 231 4.16 -0.17 -1.43
CA THR A 231 3.38 0.88 -0.79
C THR A 231 2.06 1.00 -1.57
N GLY A 232 1.10 0.16 -1.19
CA GLY A 232 -0.14 0.07 -1.93
C GLY A 232 -0.92 1.36 -1.95
N SER A 233 -0.86 2.14 -0.86
CA SER A 233 -1.59 3.41 -0.86
C SER A 233 -0.91 4.47 -1.70
N ALA A 234 0.32 4.24 -2.17
CA ALA A 234 0.96 5.16 -3.09
C ALA A 234 0.67 4.86 -4.55
N ALA A 235 0.17 3.66 -4.86
CA ALA A 235 -0.01 3.28 -6.26
C ALA A 235 -1.11 4.08 -6.94
N GLY A 236 -2.23 4.31 -6.26
CA GLY A 236 -3.29 5.12 -6.80
C GLY A 236 -2.84 6.56 -7.07
N PRO A 237 -2.25 7.20 -6.06
CA PRO A 237 -1.71 8.55 -6.28
C PRO A 237 -0.67 8.61 -7.41
N LEU A 238 0.17 7.57 -7.56
CA LEU A 238 1.14 7.62 -8.65
C LEU A 238 0.44 7.59 -10.02
N ALA A 239 -0.61 6.78 -10.18
CA ALA A 239 -1.36 6.80 -11.43
C ALA A 239 -1.90 8.20 -11.72
N ILE A 240 -2.43 8.88 -10.69
CA ILE A 240 -2.93 10.23 -10.86
C ILE A 240 -1.79 11.16 -11.27
N HIS A 241 -0.65 11.02 -10.59
CA HIS A 241 0.51 11.86 -10.85
C HIS A 241 0.96 11.72 -12.30
N LEU A 242 1.03 10.48 -12.79
CA LEU A 242 1.49 10.22 -14.15
C LEU A 242 0.50 10.73 -15.17
N ALA A 243 -0.80 10.61 -14.89
CA ALA A 243 -1.81 11.14 -15.82
C ALA A 243 -1.78 12.67 -15.84
N ARG A 244 -1.72 13.29 -14.67
CA ARG A 244 -1.67 14.74 -14.62
C ARG A 244 -0.46 15.28 -15.36
N HIS A 245 0.67 14.60 -15.31
CA HIS A 245 1.88 15.13 -15.93
C HIS A 245 2.16 14.49 -17.27
N GLY A 246 1.14 13.91 -17.88
CA GLY A 246 1.14 13.67 -19.31
C GLY A 246 1.79 12.39 -19.76
N GLN A 247 2.10 11.47 -18.85
CA GLN A 247 2.81 10.24 -19.18
C GLN A 247 1.85 9.11 -19.50
N ILE A 248 0.62 9.18 -18.98
CA ILE A 248 -0.48 8.28 -19.31
C ILE A 248 -1.73 9.14 -19.37
N GLU A 249 -2.84 8.54 -19.81
CA GLU A 249 -4.15 9.17 -19.70
C GLU A 249 -4.90 8.69 -18.46
N PHE A 250 -5.78 9.53 -17.97
CA PHE A 250 -6.80 9.03 -17.04
C PHE A 250 -7.56 7.89 -17.71
N GLY A 251 -7.80 6.83 -16.94
CA GLY A 251 -8.46 5.64 -17.44
C GLY A 251 -7.52 4.58 -17.97
N GLN A 252 -6.20 4.84 -17.98
CA GLN A 252 -5.28 3.83 -18.47
C GLN A 252 -4.53 3.23 -17.29
N PRO A 253 -4.36 1.91 -17.28
CA PRO A 253 -3.67 1.29 -16.14
C PRO A 253 -2.16 1.39 -16.26
N VAL A 254 -1.50 1.41 -15.10
CA VAL A 254 -0.04 1.31 -15.05
C VAL A 254 0.33 0.11 -14.19
N GLU A 255 1.51 -0.44 -14.52
CA GLU A 255 2.16 -1.48 -13.76
C GLU A 255 3.30 -0.81 -13.00
N ILE A 256 3.33 -0.97 -11.67
CA ILE A 256 4.34 -0.35 -10.83
C ILE A 256 5.08 -1.45 -10.11
N LEU A 257 6.37 -1.56 -10.37
CA LEU A 257 7.21 -2.58 -9.74
C LEU A 257 8.06 -1.89 -8.68
N GLN A 258 7.88 -2.29 -7.43
CA GLN A 258 8.55 -1.69 -6.28
C GLN A 258 9.39 -2.77 -5.60
N GLY A 259 10.39 -2.34 -4.82
CA GLY A 259 11.12 -3.25 -3.94
C GLY A 259 12.17 -4.11 -4.59
N VAL A 260 12.51 -3.86 -5.86
CA VAL A 260 13.47 -4.73 -6.55
C VAL A 260 14.84 -4.66 -5.88
N GLU A 261 15.27 -3.45 -5.56
CA GLU A 261 16.61 -3.22 -5.03
C GLU A 261 16.81 -3.90 -3.69
N ILE A 262 15.75 -4.01 -2.89
CA ILE A 262 15.84 -4.64 -1.58
C ILE A 262 15.45 -6.12 -1.62
N GLY A 263 15.27 -6.69 -2.81
CA GLY A 263 14.96 -8.11 -2.91
C GLY A 263 13.56 -8.50 -2.49
N ARG A 264 12.60 -7.57 -2.57
CA ARG A 264 11.18 -7.83 -2.29
C ARG A 264 10.35 -7.31 -3.45
N PRO A 265 10.57 -7.82 -4.67
CA PRO A 265 9.86 -7.28 -5.83
C PRO A 265 8.36 -7.40 -5.63
N SER A 266 7.66 -6.28 -5.88
CA SER A 266 6.23 -6.15 -5.64
C SER A 266 5.60 -5.52 -6.87
N LEU A 267 4.55 -6.13 -7.39
CA LEU A 267 3.89 -5.64 -8.60
C LEU A 267 2.52 -5.09 -8.22
N MET A 268 2.35 -3.79 -8.40
CA MET A 268 1.10 -3.09 -8.14
C MET A 268 0.54 -2.58 -9.46
N PHE A 269 -0.77 -2.69 -9.64
CA PHE A 269 -1.45 -2.15 -10.80
C PHE A 269 -2.39 -1.06 -10.34
N ALA A 270 -2.47 0.04 -11.10
CA ALA A 270 -3.28 1.16 -10.65
C ALA A 270 -3.88 1.88 -11.84
N LYS A 271 -5.04 2.48 -11.61
CA LYS A 271 -5.74 3.22 -12.64
C LYS A 271 -6.56 4.31 -11.97
N ALA A 272 -6.57 5.49 -12.55
CA ALA A 272 -7.40 6.58 -12.06
C ALA A 272 -8.34 7.03 -13.16
N GLU A 273 -9.64 7.02 -12.87
CA GLU A 273 -10.66 7.42 -13.84
C GLU A 273 -11.18 8.82 -13.56
N GLY A 274 -11.55 9.50 -14.64
CA GLY A 274 -12.07 10.86 -14.58
C GLY A 274 -11.10 11.85 -15.16
N ARG A 275 -10.93 12.98 -14.46
CA ARG A 275 -9.90 13.96 -14.77
C ARG A 275 -9.40 14.55 -13.45
N ALA A 276 -8.34 15.35 -13.52
CA ALA A 276 -7.69 15.83 -12.29
C ALA A 276 -8.68 16.54 -11.39
N GLU A 277 -9.52 17.38 -11.98
CA GLU A 277 -10.49 18.19 -11.26
C GLU A 277 -11.74 17.42 -10.87
N GLN A 278 -11.95 16.22 -11.41
CA GLN A 278 -13.13 15.43 -11.08
C GLN A 278 -12.79 13.96 -11.27
N LEU A 279 -12.09 13.40 -10.27
CA LEU A 279 -11.77 11.98 -10.27
C LEU A 279 -12.98 11.20 -9.83
N THR A 280 -13.25 10.08 -10.52
CA THR A 280 -14.41 9.26 -10.18
C THR A 280 -14.05 7.94 -9.53
N ARG A 281 -12.83 7.43 -9.73
CA ARG A 281 -12.45 6.15 -9.16
C ARG A 281 -10.94 6.02 -9.19
N VAL A 282 -10.37 5.42 -8.14
CA VAL A 282 -8.94 5.13 -8.08
C VAL A 282 -8.85 3.66 -7.69
N GLU A 283 -8.34 2.84 -8.61
CA GLU A 283 -8.32 1.40 -8.44
C GLU A 283 -6.88 0.92 -8.31
N VAL A 284 -6.64 -0.02 -7.39
CA VAL A 284 -5.33 -0.61 -7.18
C VAL A 284 -5.53 -2.10 -7.01
N SER A 285 -4.73 -2.91 -7.71
CA SER A 285 -4.87 -4.36 -7.65
C SER A 285 -3.50 -5.03 -7.59
N GLY A 286 -3.52 -6.30 -7.21
CA GLY A 286 -2.30 -7.09 -7.22
C GLY A 286 -2.60 -8.51 -6.77
N ASN A 287 -1.60 -9.36 -6.98
CA ASN A 287 -1.63 -10.72 -6.49
CA ASN A 287 -1.65 -10.72 -6.49
C ASN A 287 -1.31 -10.77 -5.00
N GLY A 288 -1.62 -11.91 -4.39
CA GLY A 288 -1.18 -12.18 -3.03
C GLY A 288 -1.01 -13.67 -2.87
N VAL A 289 -0.10 -14.04 -1.96
CA VAL A 289 0.18 -15.45 -1.72
C VAL A 289 0.35 -15.66 -0.22
N THR A 290 -0.06 -16.83 0.26
CA THR A 290 0.11 -17.16 1.66
C THR A 290 1.55 -17.61 1.92
N PHE A 291 2.19 -16.97 2.90
CA PHE A 291 3.51 -17.38 3.35
C PHE A 291 3.43 -18.35 4.53
N GLY A 292 2.49 -18.13 5.45
CA GLY A 292 2.35 -18.96 6.62
C GLY A 292 0.98 -18.82 7.25
N ARG A 293 0.69 -19.77 8.13
CA ARG A 293 -0.59 -19.86 8.83
C ARG A 293 -0.30 -20.31 10.24
N GLY A 294 -1.05 -19.79 11.21
CA GLY A 294 -0.75 -20.15 12.59
C GLY A 294 -1.92 -19.85 13.50
N THR A 295 -1.68 -20.10 14.78
CA THR A 295 -2.64 -19.86 15.83
C THR A 295 -1.90 -19.26 17.01
N ILE A 296 -2.50 -18.26 17.63
CA ILE A 296 -1.94 -17.66 18.83
C ILE A 296 -2.79 -18.08 20.02
N VAL A 297 -2.19 -18.01 21.21
CA VAL A 297 -2.75 -18.60 22.43
C VAL A 297 -3.70 -17.69 23.17
N LEU A 298 -4.00 -16.50 22.64
CA LEU A 298 -4.99 -15.64 23.26
C LEU A 298 -5.87 -14.98 22.20
C10 W81 B . 5.48 1.14 6.06
O01 W81 B . 0.78 -0.42 1.75
C02 W81 B . 0.60 0.74 2.24
O03 W81 B . -0.24 1.55 1.78
C04 W81 B . 1.38 1.28 3.42
C05 W81 B . 0.94 2.66 3.91
C06 W81 B . 1.57 3.18 5.23
C07 W81 B . 2.77 2.42 5.79
C08 W81 B . 3.45 1.38 4.93
O09 W81 B . 4.25 0.55 5.75
C11 W81 B . 6.13 0.37 7.21
C12 W81 B . 2.43 0.48 4.15
N13 W81 B . 3.20 -0.37 3.23
H08 W81 B . 4.02 1.83 4.30
H12 W81 B . 1.98 -0.10 4.80
H05 W81 B . 0.16 3.05 3.58
H06 W81 B . 1.12 3.81 5.74
H07 W81 B . 3.08 2.61 6.65
H10 W81 B . 6.06 1.12 5.29
H10A W81 B . 5.33 2.07 6.34
H11 W81 B . 6.96 0.78 7.46
H11A W81 B . 5.53 0.37 7.98
H11B W81 B . 6.29 -0.55 6.93
HN13 W81 B . 3.69 -0.94 3.69
HN1A W81 B . 2.64 -0.81 2.70
HN1B W81 B . 3.73 0.15 2.74
C1 PEG C . -3.59 18.29 0.25
O1 PEG C . -3.80 18.87 -1.04
C2 PEG C . -2.88 16.96 0.16
O2 PEG C . -1.60 17.07 0.79
C3 PEG C . -1.70 17.09 2.20
C4 PEG C . -0.47 17.81 2.71
O4 PEG C . -0.79 18.64 3.82
H11 PEG C . -3.00 18.97 0.86
H12 PEG C . -4.55 18.15 0.74
HO1 PEG C . -4.26 19.72 -0.93
H21 PEG C . -2.75 16.67 -0.88
H22 PEG C . -3.47 16.19 0.66
H31 PEG C . -1.74 16.08 2.60
H32 PEG C . -2.60 17.63 2.52
H41 PEG C . 0.29 17.07 3.01
H42 PEG C . -0.04 18.42 1.91
HO4 PEG C . 0.00 19.09 4.13
C1 PEG D . 9.25 -8.19 5.85
O1 PEG D . 8.46 -8.31 7.06
C2 PEG D . 9.54 -6.73 5.58
O2 PEG D . 9.98 -6.58 4.25
C3 PEG D . 10.22 -5.21 3.98
C4 PEG D . 9.23 -4.66 2.98
O4 PEG D . 8.45 -3.59 3.51
H11 PEG D . 10.19 -8.74 5.97
H12 PEG D . 8.71 -8.63 5.01
HO1 PEG D . 8.27 -9.24 7.22
H21 PEG D . 8.62 -6.14 5.74
H22 PEG D . 10.30 -6.36 6.28
H31 PEG D . 10.16 -4.63 4.91
H32 PEG D . 11.23 -5.09 3.59
H41 PEG D . 8.56 -5.47 2.66
H42 PEG D . 9.76 -4.32 2.09
HO4 PEG D . 7.83 -3.29 2.83
C1 EDO E . -11.44 0.50 10.81
O1 EDO E . -11.56 0.74 12.21
C2 EDO E . -9.97 0.70 10.42
O2 EDO E . -9.67 1.43 9.21
H11 EDO E . -11.75 -0.52 10.57
H12 EDO E . -12.07 1.19 10.25
HO1 EDO E . -12.49 0.61 12.47
H21 EDO E . -9.47 1.20 11.25
H22 EDO E . -9.52 -0.28 10.33
HO2 EDO E . -8.71 1.47 9.09
C1 EDO F . -15.58 3.84 13.01
O1 EDO F . -16.59 3.66 14.02
C2 EDO F . -14.72 2.57 12.87
O2 EDO F . -14.11 2.52 11.56
H11 EDO F . -16.05 4.07 12.05
H12 EDO F . -14.94 4.68 13.28
HO1 EDO F . -17.12 4.46 14.10
H21 EDO F . -13.95 2.55 13.64
H22 EDO F . -15.36 1.69 13.01
HO2 EDO F . -13.58 1.71 11.49
C1 GOL G . -4.20 -12.75 -12.21
O1 GOL G . -3.96 -11.70 -11.28
C2 GOL G . -2.86 -13.30 -12.68
O2 GOL G . -2.16 -13.88 -11.57
C3 GOL G . -3.09 -14.36 -13.75
O3 GOL G . -4.48 -14.59 -13.90
H11 GOL G . -4.78 -12.37 -13.06
H12 GOL G . -4.79 -13.54 -11.73
HO1 GOL G . -4.79 -11.34 -10.97
H2 GOL G . -2.27 -12.48 -13.11
HO2 GOL G . -2.69 -14.60 -11.21
H31 GOL G . -2.59 -15.28 -13.47
H32 GOL G . -2.67 -14.02 -14.70
HO3 GOL G . -4.64 -15.26 -14.58
C1 GOL H . 1.27 22.65 -10.17
O1 GOL H . 2.20 23.09 -9.17
C2 GOL H . 1.97 21.97 -11.34
O2 GOL H . 2.32 20.62 -11.00
C3 GOL H . 1.02 22.00 -12.53
O3 GOL H . 0.91 20.70 -13.10
H11 GOL H . 0.71 23.52 -10.53
H12 GOL H . 0.56 21.96 -9.72
HO1 GOL H . 1.73 23.51 -8.45
H2 GOL H . 2.88 22.54 -11.59
HO2 GOL H . 1.52 20.12 -10.78
H31 GOL H . 0.04 22.34 -12.20
H32 GOL H . 1.39 22.70 -13.27
HO3 GOL H . 0.30 20.73 -13.85
#